data_8QE3
#
_entry.id   8QE3
#
_cell.length_a   68.161
_cell.length_b   94.012
_cell.length_c   116.570
_cell.angle_alpha   90.00
_cell.angle_beta   90.00
_cell.angle_gamma   90.00
#
_symmetry.space_group_name_H-M   'I 2 2 2'
#
loop_
_entity.id
_entity.type
_entity.pdbx_description
1 polymer 'S-adenosylmethionine synthase isoform type-2'
2 non-polymer 3-cyclopropyl-6-(2-methylindazol-5-yl)-4-(6-methylpyridin-3-yl)-2~{H}-pyrazolo[4,3-b]pyridin-5-one
3 non-polymer S-ADENOSYLMETHIONINE
4 water water
#
_entity_poly.entity_id   1
_entity_poly.type   'polypeptide(L)'
_entity_poly.pdbx_seq_one_letter_code
;QSMNGQLNGFHEAFIEEGTFLFTSESVGEGHPDKICDQISDAVLDAHLQQDPDAKVACETVAKTGMILLAGEITSRAAVD
YQKVVREAVKHIGYDDSSKGFDYKTCNVLVALEQQSPDIAQGVHLDRNEEDIGAGDQGLMFGYATDETEECMPLTIVLAH
KLNAKLAELRRNGTLPWLRPDSKTQVTVQYMQDRGAVLPIRVHTIVISVQHDEEVCLDEMRDALKEKVIKAVVPAKYLDE
DTIYHLQPSGRFVIGGPQGDAGLTGRKIIVDTYGGWGAHGGGAFSGKDYTKVDRSAAYAARWVAKSLVKGGLCRRVLVQV
SYAIGVSHPLSISIFHYGTSQKSERELLEIVKKNFDLRPGVIVRDLDLKKPIYQRTAAYGHFGRDSFPWEVPKKLKY
;
_entity_poly.pdbx_strand_id   A
#
# COMPACT_ATOMS: atom_id res chain seq x y z
N GLU A 16 26.52 -1.27 17.81
CA GLU A 16 26.71 -2.31 18.83
C GLU A 16 26.50 -3.70 18.24
N GLU A 17 27.20 -4.72 18.77
CA GLU A 17 27.05 -6.10 18.29
C GLU A 17 25.61 -6.57 18.49
N GLY A 18 25.06 -7.23 17.48
CA GLY A 18 23.68 -7.69 17.52
C GLY A 18 22.70 -6.64 17.06
N THR A 19 23.18 -5.48 16.59
CA THR A 19 22.30 -4.45 16.05
C THR A 19 22.52 -4.27 14.56
N PHE A 20 21.52 -3.67 13.87
CA PHE A 20 21.64 -3.39 12.46
C PHE A 20 20.74 -2.23 12.06
N LEU A 21 21.01 -1.64 10.91
CA LEU A 21 20.18 -0.57 10.40
C LEU A 21 19.21 -1.10 9.35
N PHE A 22 18.03 -0.49 9.27
CA PHE A 22 17.08 -0.82 8.20
C PHE A 22 16.37 0.45 7.81
N THR A 23 16.18 0.64 6.51
CA THR A 23 15.54 1.84 5.99
C THR A 23 14.30 1.49 5.20
N SER A 24 13.23 2.25 5.40
CA SER A 24 12.02 2.18 4.59
C SER A 24 11.58 3.57 4.19
N GLU A 25 10.79 3.68 3.12
CA GLU A 25 10.24 4.97 2.71
C GLU A 25 8.71 4.91 2.59
N SER A 26 8.12 6.08 2.48
CA SER A 26 6.70 6.22 2.16
C SER A 26 6.54 7.46 1.30
N VAL A 27 5.36 7.63 0.69
CA VAL A 27 5.08 8.81 -0.11
C VAL A 27 3.72 9.35 0.21
N GLY A 28 3.50 10.62 -0.12
CA GLY A 28 2.23 11.25 0.14
C GLY A 28 1.15 10.98 -0.90
N GLU A 29 -0.06 11.44 -0.59
CA GLU A 29 -1.20 11.28 -1.49
C GLU A 29 -1.01 11.94 -2.84
N GLY A 30 -0.21 13.01 -2.89
CA GLY A 30 0.04 13.71 -4.15
C GLY A 30 1.29 13.29 -4.86
N HIS A 31 2.01 12.27 -4.36
CA HIS A 31 3.15 11.73 -5.11
C HIS A 31 2.57 11.14 -6.43
N PRO A 32 3.15 11.41 -7.60
CA PRO A 32 2.45 11.06 -8.85
C PRO A 32 2.11 9.57 -9.02
N ASP A 33 2.97 8.68 -8.53
CA ASP A 33 2.67 7.25 -8.58
C ASP A 33 1.46 6.96 -7.68
N LYS A 34 1.43 7.57 -6.47
CA LYS A 34 0.32 7.37 -5.55
C LYS A 34 -0.96 7.96 -6.08
N ILE A 35 -0.91 9.08 -6.84
CA ILE A 35 -2.10 9.63 -7.48
C ILE A 35 -2.72 8.57 -8.39
N CYS A 36 -1.88 7.88 -9.15
CA CYS A 36 -2.34 6.85 -10.06
C CYS A 36 -2.97 5.69 -9.31
N ASP A 37 -2.37 5.22 -8.21
CA ASP A 37 -2.97 4.15 -7.42
C ASP A 37 -4.35 4.57 -6.89
N GLN A 38 -4.45 5.80 -6.38
CA GLN A 38 -5.73 6.26 -5.86
C GLN A 38 -6.77 6.38 -6.95
N ILE A 39 -6.42 6.87 -8.14
CA ILE A 39 -7.39 7.00 -9.23
C ILE A 39 -7.80 5.61 -9.69
N SER A 40 -6.84 4.69 -9.85
CA SER A 40 -7.17 3.32 -10.26
C SER A 40 -8.18 2.68 -9.29
N ASP A 41 -7.99 2.93 -7.98
CA ASP A 41 -8.89 2.38 -6.98
C ASP A 41 -10.20 3.15 -6.89
N ALA A 42 -10.20 4.45 -7.21
CA ALA A 42 -11.47 5.19 -7.26
C ALA A 42 -12.32 4.62 -8.42
N VAL A 43 -11.68 4.25 -9.53
CA VAL A 43 -12.38 3.65 -10.67
C VAL A 43 -12.93 2.27 -10.28
N LEU A 44 -12.11 1.45 -9.61
CA LEU A 44 -12.57 0.15 -9.13
C LEU A 44 -13.78 0.28 -8.20
N ASP A 45 -13.70 1.20 -7.23
CA ASP A 45 -14.81 1.39 -6.27
C ASP A 45 -16.04 1.87 -6.98
N ALA A 46 -15.90 2.75 -7.98
CA ALA A 46 -17.06 3.24 -8.72
C ALA A 46 -17.78 2.09 -9.41
N HIS A 47 -17.02 1.17 -9.99
CA HIS A 47 -17.62 -0.02 -10.61
C HIS A 47 -18.28 -0.92 -9.59
N LEU A 48 -17.58 -1.21 -8.49
CA LEU A 48 -18.11 -2.12 -7.45
C LEU A 48 -19.36 -1.59 -6.76
N GLN A 49 -19.53 -0.27 -6.70
CA GLN A 49 -20.75 0.30 -6.11
C GLN A 49 -21.99 -0.11 -6.90
N GLN A 50 -21.86 -0.35 -8.21
CA GLN A 50 -23.00 -0.72 -9.04
C GLN A 50 -23.00 -2.19 -9.43
N ASP A 51 -21.82 -2.77 -9.57
CA ASP A 51 -21.67 -4.16 -10.01
C ASP A 51 -20.61 -4.82 -9.13
N PRO A 52 -21.02 -5.54 -8.09
CA PRO A 52 -20.06 -6.19 -7.20
C PRO A 52 -19.16 -7.21 -7.90
N ASP A 53 -19.56 -7.70 -9.09
CA ASP A 53 -18.78 -8.66 -9.85
C ASP A 53 -18.03 -8.04 -11.02
N ALA A 54 -17.83 -6.71 -11.01
CA ALA A 54 -17.06 -6.05 -12.07
C ALA A 54 -15.65 -6.66 -12.17
N LYS A 55 -15.19 -6.85 -13.40
CA LYS A 55 -13.83 -7.31 -13.68
C LYS A 55 -13.08 -6.07 -14.07
N VAL A 56 -12.15 -5.67 -13.22
CA VAL A 56 -11.45 -4.39 -13.38
C VAL A 56 -9.95 -4.57 -13.38
N ALA A 57 -9.28 -3.95 -14.35
CA ALA A 57 -7.81 -3.95 -14.48
C ALA A 57 -7.45 -2.57 -15.02
N CYS A 58 -7.56 -1.57 -14.17
CA CYS A 58 -7.43 -0.17 -14.58
C CYS A 58 -6.11 0.42 -14.21
N GLU A 59 -5.24 0.63 -15.17
CA GLU A 59 -4.00 1.33 -14.95
C GLU A 59 -4.20 2.84 -15.15
N THR A 60 -3.47 3.63 -14.40
CA THR A 60 -3.50 5.08 -14.54
C THR A 60 -2.08 5.57 -14.78
N VAL A 61 -1.97 6.58 -15.65
CA VAL A 61 -0.71 7.25 -15.95
C VAL A 61 -0.93 8.74 -15.75
N ALA A 62 0.01 9.41 -15.10
CA ALA A 62 -0.13 10.84 -14.85
C ALA A 62 1.11 11.56 -15.29
N LYS A 63 0.94 12.63 -16.06
CA LYS A 63 2.05 13.50 -16.42
C LYS A 63 1.44 14.91 -16.47
N THR A 64 2.22 15.97 -16.70
CA THR A 64 1.69 17.35 -16.71
C THR A 64 0.36 17.46 -17.44
N GLY A 65 -0.67 17.87 -16.69
CA GLY A 65 -2.00 18.08 -17.23
C GLY A 65 -2.75 16.88 -17.72
N MET A 66 -2.28 15.66 -17.43
CA MET A 66 -2.91 14.47 -17.99
C MET A 66 -3.08 13.35 -17.00
N ILE A 67 -4.30 12.80 -16.98
CA ILE A 67 -4.60 11.53 -16.37
C ILE A 67 -5.06 10.65 -17.54
N LEU A 68 -4.36 9.53 -17.79
CA LEU A 68 -4.78 8.55 -18.78
C LEU A 68 -5.15 7.25 -18.05
N LEU A 69 -6.32 6.69 -18.38
CA LEU A 69 -6.75 5.37 -17.90
C LEU A 69 -6.54 4.36 -19.01
N ALA A 70 -5.83 3.28 -18.75
CA ALA A 70 -5.58 2.26 -19.76
C ALA A 70 -5.78 0.90 -19.12
N GLY A 71 -6.50 0.01 -19.81
CA GLY A 71 -6.74 -1.30 -19.25
C GLY A 71 -8.02 -1.89 -19.70
N GLU A 72 -8.52 -2.80 -18.87
CA GLU A 72 -9.63 -3.63 -19.22
C GLU A 72 -10.66 -3.71 -18.12
N ILE A 73 -11.90 -3.39 -18.47
CA ILE A 73 -13.03 -3.44 -17.54
C ILE A 73 -14.24 -4.08 -18.22
N THR A 74 -14.79 -5.13 -17.62
CA THR A 74 -16.08 -5.70 -18.04
C THR A 74 -16.98 -5.58 -16.83
N SER A 75 -18.03 -4.78 -16.97
CA SER A 75 -18.86 -4.41 -15.85
C SER A 75 -20.21 -3.95 -16.32
N ARG A 76 -21.24 -4.21 -15.50
CA ARG A 76 -22.58 -3.69 -15.79
C ARG A 76 -22.77 -2.24 -15.30
N ALA A 77 -21.77 -1.67 -14.58
CA ALA A 77 -21.88 -0.31 -14.07
C ALA A 77 -21.83 0.73 -15.18
N ALA A 78 -22.44 1.88 -14.95
CA ALA A 78 -22.33 3.01 -15.86
C ALA A 78 -21.50 4.04 -15.07
N VAL A 79 -20.23 4.16 -15.42
CA VAL A 79 -19.30 5.01 -14.66
C VAL A 79 -18.88 6.23 -15.47
N ASP A 80 -18.95 7.40 -14.84
CA ASP A 80 -18.52 8.64 -15.46
C ASP A 80 -17.05 8.82 -15.08
N TYR A 81 -16.16 8.39 -15.96
CA TYR A 81 -14.71 8.45 -15.70
C TYR A 81 -14.21 9.85 -15.47
N GLN A 82 -14.73 10.83 -16.22
CA GLN A 82 -14.33 12.22 -16.03
C GLN A 82 -14.59 12.67 -14.58
N LYS A 83 -15.80 12.41 -14.06
CA LYS A 83 -16.17 12.76 -12.70
C LYS A 83 -15.37 12.00 -11.66
N VAL A 84 -15.22 10.68 -11.84
CA VAL A 84 -14.49 9.87 -10.86
C VAL A 84 -13.05 10.29 -10.76
N VAL A 85 -12.38 10.49 -11.90
CA VAL A 85 -10.98 10.91 -11.88
C VAL A 85 -10.81 12.29 -11.25
N ARG A 86 -11.61 13.27 -11.69
CA ARG A 86 -11.46 14.63 -11.19
C ARG A 86 -11.76 14.71 -9.71
N GLU A 87 -12.75 13.98 -9.22
CA GLU A 87 -13.06 13.98 -7.78
C GLU A 87 -11.91 13.39 -6.96
N ALA A 88 -11.23 12.36 -7.50
CA ALA A 88 -10.10 11.80 -6.77
C ALA A 88 -8.95 12.81 -6.69
N VAL A 89 -8.69 13.51 -7.80
CA VAL A 89 -7.63 14.52 -7.84
C VAL A 89 -7.96 15.70 -6.91
N LYS A 90 -9.23 16.10 -6.87
CA LYS A 90 -9.69 17.14 -5.95
C LYS A 90 -9.42 16.76 -4.49
N HIS A 91 -9.75 15.52 -4.12
CA HIS A 91 -9.51 15.04 -2.76
C HIS A 91 -8.03 15.11 -2.37
N ILE A 92 -7.16 14.77 -3.31
CA ILE A 92 -5.72 14.81 -3.08
C ILE A 92 -5.23 16.23 -2.81
N GLY A 93 -5.85 17.21 -3.46
CA GLY A 93 -5.48 18.60 -3.22
C GLY A 93 -4.94 19.36 -4.40
N TYR A 94 -4.96 18.73 -5.60
CA TYR A 94 -4.47 19.43 -6.79
C TYR A 94 -5.63 20.16 -7.45
N ASP A 95 -5.81 21.42 -7.05
CA ASP A 95 -6.96 22.22 -7.42
C ASP A 95 -6.64 23.59 -7.97
N ASP A 96 -5.42 23.79 -8.46
CA ASP A 96 -5.03 25.06 -9.03
C ASP A 96 -3.77 24.94 -9.83
N SER A 97 -3.71 25.69 -10.93
CA SER A 97 -2.52 25.66 -11.78
C SER A 97 -1.26 26.13 -11.03
N SER A 98 -1.41 26.96 -9.97
CA SER A 98 -0.24 27.36 -9.16
C SER A 98 0.43 26.17 -8.47
N LYS A 99 -0.34 25.11 -8.19
CA LYS A 99 0.16 23.89 -7.55
C LYS A 99 0.75 22.86 -8.52
N GLY A 100 0.64 23.15 -9.81
CA GLY A 100 1.17 22.31 -10.87
C GLY A 100 0.17 21.36 -11.50
N PHE A 101 -1.04 21.25 -10.93
CA PHE A 101 -2.04 20.32 -11.41
C PHE A 101 -3.39 20.77 -10.88
N ASP A 102 -4.43 20.64 -11.70
CA ASP A 102 -5.77 21.07 -11.32
C ASP A 102 -6.82 20.09 -11.82
N TYR A 103 -7.59 19.47 -10.92
CA TYR A 103 -8.66 18.55 -11.29
C TYR A 103 -9.70 19.20 -12.19
N LYS A 104 -9.93 20.50 -12.06
CA LYS A 104 -10.96 21.15 -12.85
C LYS A 104 -10.59 21.21 -14.34
N THR A 105 -9.31 21.36 -14.63
CA THR A 105 -8.87 21.71 -15.98
C THR A 105 -7.87 20.74 -16.63
N CYS A 106 -7.51 19.66 -15.97
CA CYS A 106 -6.60 18.70 -16.57
C CYS A 106 -7.33 17.90 -17.67
N ASN A 107 -6.55 17.22 -18.48
CA ASN A 107 -7.03 16.32 -19.50
C ASN A 107 -7.22 14.97 -18.85
N VAL A 108 -8.38 14.35 -19.11
CA VAL A 108 -8.67 12.97 -18.72
C VAL A 108 -8.91 12.20 -20.02
N LEU A 109 -8.02 11.20 -20.30
CA LEU A 109 -8.06 10.39 -21.51
C LEU A 109 -8.35 8.98 -21.10
N VAL A 110 -9.21 8.29 -21.87
CA VAL A 110 -9.60 6.92 -21.54
C VAL A 110 -9.33 5.94 -22.69
N ALA A 111 -8.57 4.87 -22.40
CA ALA A 111 -8.26 3.80 -23.34
C ALA A 111 -8.60 2.51 -22.64
N LEU A 112 -9.88 2.32 -22.37
CA LEU A 112 -10.37 1.16 -21.64
C LEU A 112 -11.19 0.29 -22.55
N GLU A 113 -10.87 -0.99 -22.57
CA GLU A 113 -11.59 -1.97 -23.36
C GLU A 113 -12.16 -3.03 -22.45
N GLN A 114 -12.95 -3.96 -22.99
CA GLN A 114 -13.44 -5.07 -22.17
C GLN A 114 -12.29 -5.99 -21.79
N GLN A 115 -12.50 -6.79 -20.75
CA GLN A 115 -11.55 -7.84 -20.41
C GLN A 115 -11.43 -8.81 -21.61
N SER A 116 -10.20 -9.27 -21.88
CA SER A 116 -9.97 -10.26 -22.92
C SER A 116 -10.90 -11.46 -22.74
N PRO A 117 -11.67 -11.83 -23.76
CA PRO A 117 -12.55 -13.00 -23.61
C PRO A 117 -11.76 -14.29 -23.35
N ASP A 118 -10.49 -14.33 -23.79
CA ASP A 118 -9.65 -15.51 -23.56
C ASP A 118 -9.31 -15.64 -22.07
N ILE A 119 -9.06 -14.51 -21.40
CA ILE A 119 -8.83 -14.52 -19.94
C ILE A 119 -10.15 -14.88 -19.27
N ALA A 120 -11.24 -14.23 -19.65
CA ALA A 120 -12.53 -14.50 -19.02
C ALA A 120 -12.92 -15.98 -19.08
N GLN A 121 -12.79 -16.61 -20.25
CA GLN A 121 -13.16 -18.02 -20.36
C GLN A 121 -12.28 -18.93 -19.52
N GLY A 122 -11.02 -18.56 -19.34
CA GLY A 122 -10.10 -19.40 -18.61
C GLY A 122 -10.12 -19.20 -17.12
N VAL A 123 -10.66 -18.07 -16.66
CA VAL A 123 -10.66 -17.74 -15.25
C VAL A 123 -12.01 -17.89 -14.54
N HIS A 124 -13.08 -17.30 -15.10
CA HIS A 124 -14.33 -17.22 -14.35
C HIS A 124 -15.60 -17.58 -15.09
N LEU A 125 -15.60 -17.57 -16.42
CA LEU A 125 -16.82 -17.90 -17.13
C LEU A 125 -17.30 -19.30 -16.86
N ASP A 126 -18.57 -19.42 -16.49
CA ASP A 126 -19.21 -20.71 -16.18
C ASP A 126 -18.52 -21.46 -15.05
N ARG A 127 -18.00 -20.71 -14.07
CA ARG A 127 -17.36 -21.32 -12.93
C ARG A 127 -18.10 -20.97 -11.67
N ASN A 128 -18.23 -21.93 -10.76
CA ASN A 128 -18.80 -21.70 -9.44
C ASN A 128 -17.91 -20.67 -8.74
N GLU A 129 -18.48 -19.67 -8.06
CA GLU A 129 -17.64 -18.62 -7.46
C GLU A 129 -16.48 -19.15 -6.59
N GLU A 130 -16.75 -20.11 -5.72
CA GLU A 130 -15.67 -20.66 -4.87
C GLU A 130 -14.56 -21.31 -5.69
N ASP A 131 -14.89 -21.77 -6.91
CA ASP A 131 -13.99 -22.50 -7.79
C ASP A 131 -13.48 -21.69 -8.97
N ILE A 132 -13.59 -20.34 -8.89
CA ILE A 132 -13.02 -19.51 -9.93
C ILE A 132 -11.50 -19.70 -9.93
N GLY A 133 -10.89 -19.60 -11.09
CA GLY A 133 -9.46 -19.74 -11.18
C GLY A 133 -8.79 -18.45 -10.77
N ALA A 134 -7.51 -18.52 -10.39
CA ALA A 134 -6.73 -17.31 -10.19
C ALA A 134 -6.71 -16.51 -11.48
N GLY A 135 -6.83 -15.19 -11.37
CA GLY A 135 -6.86 -14.33 -12.55
C GLY A 135 -5.57 -14.21 -13.32
N ASP A 136 -4.50 -14.74 -12.76
CA ASP A 136 -3.19 -14.74 -13.35
C ASP A 136 -2.34 -15.73 -12.56
N GLN A 137 -1.18 -16.07 -13.10
CA GLN A 137 -0.18 -16.74 -12.28
C GLN A 137 0.47 -15.64 -11.38
N GLY A 138 1.34 -16.08 -10.49
CA GLY A 138 2.13 -15.16 -9.71
C GLY A 138 2.47 -15.69 -8.34
N LEU A 139 3.32 -14.95 -7.64
CA LEU A 139 3.72 -15.27 -6.29
C LEU A 139 3.42 -14.05 -5.43
N MET A 140 3.08 -14.30 -4.17
CA MET A 140 2.70 -13.23 -3.25
C MET A 140 3.22 -13.61 -1.85
N PHE A 141 3.51 -12.59 -1.04
CA PHE A 141 3.97 -12.81 0.32
C PHE A 141 3.16 -12.03 1.31
N GLY A 142 3.02 -12.61 2.48
CA GLY A 142 2.44 -11.96 3.65
C GLY A 142 3.52 -11.89 4.72
N TYR A 143 3.49 -10.83 5.54
CA TYR A 143 4.48 -10.65 6.59
C TYR A 143 3.84 -10.02 7.80
N ALA A 144 4.35 -10.36 8.98
CA ALA A 144 3.91 -9.70 10.19
C ALA A 144 5.06 -9.74 11.18
N THR A 145 5.13 -8.70 12.00
CA THR A 145 6.18 -8.55 13.02
C THR A 145 5.56 -7.96 14.26
N ASP A 146 5.88 -8.53 15.42
CA ASP A 146 5.33 -8.05 16.69
C ASP A 146 5.99 -6.78 17.21
N GLU A 147 6.86 -6.13 16.41
CA GLU A 147 7.56 -4.93 16.89
C GLU A 147 6.64 -3.75 17.13
N THR A 148 5.44 -3.74 16.53
CA THR A 148 4.41 -2.73 16.75
C THR A 148 3.10 -3.47 17.01
N GLU A 149 2.13 -2.79 17.66
CA GLU A 149 0.83 -3.41 17.93
C GLU A 149 0.15 -3.85 16.63
N GLU A 150 0.28 -3.03 15.61
CA GLU A 150 -0.34 -3.32 14.31
C GLU A 150 0.39 -4.36 13.49
N CYS A 151 1.49 -4.90 14.01
CA CYS A 151 2.25 -5.96 13.42
C CYS A 151 2.93 -5.55 12.13
N MET A 152 3.42 -4.31 12.07
CA MET A 152 4.14 -3.74 10.94
C MET A 152 5.53 -3.27 11.34
N PRO A 153 6.45 -3.18 10.38
CA PRO A 153 7.77 -2.64 10.71
C PRO A 153 7.68 -1.16 11.11
N LEU A 154 8.42 -0.78 12.17
CA LEU A 154 8.39 0.60 12.64
C LEU A 154 8.90 1.56 11.58
N THR A 155 9.91 1.14 10.78
CA THR A 155 10.43 2.01 9.73
C THR A 155 9.36 2.52 8.78
N ILE A 156 8.49 1.61 8.32
CA ILE A 156 7.45 2.02 7.37
C ILE A 156 6.27 2.70 8.07
N VAL A 157 5.92 2.31 9.30
CA VAL A 157 4.83 2.99 10.02
C VAL A 157 5.19 4.45 10.23
N LEU A 158 6.43 4.72 10.68
CA LEU A 158 6.85 6.10 10.88
C LEU A 158 6.90 6.87 9.59
N ALA A 159 7.43 6.25 8.51
CA ALA A 159 7.48 6.94 7.22
C ALA A 159 6.07 7.31 6.72
N HIS A 160 5.09 6.40 6.86
CA HIS A 160 3.71 6.72 6.46
C HIS A 160 3.16 7.84 7.31
N LYS A 161 3.36 7.77 8.64
CA LYS A 161 2.79 8.79 9.52
C LYS A 161 3.37 10.19 9.23
N LEU A 162 4.63 10.26 8.83
CA LEU A 162 5.23 11.55 8.47
C LEU A 162 4.52 12.16 7.25
N ASN A 163 4.19 11.32 6.23
CA ASN A 163 3.43 11.84 5.09
C ASN A 163 2.03 12.23 5.51
N ALA A 164 1.39 11.45 6.38
CA ALA A 164 0.03 11.79 6.82
C ALA A 164 0.02 13.10 7.59
N LYS A 165 1.06 13.34 8.39
CA LYS A 165 1.16 14.59 9.14
C LYS A 165 1.31 15.77 8.22
N LEU A 166 2.11 15.63 7.15
CA LEU A 166 2.23 16.70 6.16
C LEU A 166 0.87 17.02 5.55
N ALA A 167 0.11 15.98 5.15
CA ALA A 167 -1.23 16.24 4.60
C ALA A 167 -2.17 16.90 5.59
N GLU A 168 -2.08 16.51 6.86
CA GLU A 168 -2.92 17.05 7.90
C GLU A 168 -2.67 18.56 8.07
N LEU A 169 -1.39 18.97 8.11
CA LEU A 169 -1.00 20.37 8.31
C LEU A 169 -1.23 21.22 7.06
N ARG A 170 -1.23 20.57 5.89
CA ARG A 170 -1.57 21.25 4.66
C ARG A 170 -3.10 21.51 4.69
N ARG A 171 -3.88 20.48 4.99
CA ARG A 171 -5.34 20.58 4.96
C ARG A 171 -5.91 21.47 6.05
N ASN A 172 -5.26 21.54 7.21
CA ASN A 172 -5.78 22.40 8.28
C ASN A 172 -5.25 23.85 8.20
N GLY A 173 -4.40 24.14 7.22
CA GLY A 173 -3.91 25.50 7.01
C GLY A 173 -2.79 25.95 7.92
N THR A 174 -2.23 25.03 8.75
CA THR A 174 -1.11 25.29 9.67
C THR A 174 0.13 25.67 8.85
N LEU A 175 0.39 24.92 7.76
CA LEU A 175 1.57 25.17 6.92
C LEU A 175 1.03 25.31 5.50
N PRO A 176 0.48 26.49 5.18
CA PRO A 176 -0.22 26.66 3.89
C PRO A 176 0.68 26.62 2.67
N TRP A 177 1.98 26.68 2.85
CA TRP A 177 2.94 26.55 1.76
C TRP A 177 3.14 25.10 1.29
N LEU A 178 2.59 24.12 2.02
CA LEU A 178 2.74 22.71 1.62
C LEU A 178 1.88 22.39 0.43
N ARG A 179 2.37 21.51 -0.40
CA ARG A 179 1.67 20.99 -1.57
CA ARG A 179 1.64 21.02 -1.54
C ARG A 179 1.51 19.47 -1.38
N PRO A 180 0.68 18.80 -2.19
CA PRO A 180 0.38 17.39 -1.92
C PRO A 180 1.47 16.34 -2.17
N ASP A 181 2.49 16.64 -2.96
CA ASP A 181 3.53 15.67 -3.31
C ASP A 181 4.59 15.64 -2.22
N SER A 182 4.82 14.47 -1.63
CA SER A 182 5.83 14.35 -0.58
C SER A 182 6.42 12.95 -0.57
N LYS A 183 7.62 12.84 -0.02
CA LYS A 183 8.29 11.57 0.23
C LYS A 183 8.97 11.64 1.58
N THR A 184 9.02 10.51 2.28
CA THR A 184 9.72 10.44 3.56
C THR A 184 10.52 9.14 3.60
N GLN A 185 11.53 9.07 4.48
CA GLN A 185 12.33 7.86 4.58
C GLN A 185 12.89 7.82 5.99
N VAL A 186 12.80 6.63 6.61
CA VAL A 186 13.22 6.47 7.99
C VAL A 186 14.16 5.32 8.12
N THR A 187 15.33 5.56 8.73
CA THR A 187 16.30 4.51 9.04
C THR A 187 16.26 4.28 10.55
N VAL A 188 16.03 3.01 10.98
CA VAL A 188 15.99 2.67 12.40
C VAL A 188 17.12 1.69 12.68
N GLN A 189 17.74 1.85 13.85
CA GLN A 189 18.71 0.89 14.34
C GLN A 189 17.90 -0.09 15.20
N TYR A 190 18.03 -1.38 14.90
CA TYR A 190 17.31 -2.45 15.58
C TYR A 190 18.24 -3.32 16.37
N MET A 191 17.70 -3.94 17.41
CA MET A 191 18.39 -4.97 18.17
C MET A 191 17.79 -6.31 17.73
N GLN A 192 18.66 -7.29 17.45
CA GLN A 192 18.24 -8.65 17.15
C GLN A 192 17.77 -9.31 18.43
N ASP A 193 16.61 -9.99 18.38
CA ASP A 193 16.07 -10.65 19.56
C ASP A 193 15.47 -12.00 19.21
N ARG A 194 16.33 -13.03 19.10
CA ARG A 194 15.93 -14.40 18.82
C ARG A 194 15.02 -14.51 17.60
N GLY A 195 15.40 -13.81 16.55
CA GLY A 195 14.64 -13.82 15.31
C GLY A 195 13.72 -12.63 15.15
N ALA A 196 13.21 -12.12 16.27
CA ALA A 196 12.37 -10.93 16.28
C ALA A 196 13.29 -9.68 16.28
N VAL A 197 12.73 -8.48 16.11
CA VAL A 197 13.54 -7.27 16.10
C VAL A 197 12.96 -6.26 17.06
N LEU A 198 13.85 -5.48 17.71
CA LEU A 198 13.44 -4.46 18.68
C LEU A 198 13.99 -3.12 18.26
N PRO A 199 13.14 -2.14 17.95
CA PRO A 199 13.67 -0.83 17.55
C PRO A 199 14.42 -0.18 18.73
N ILE A 200 15.61 0.38 18.44
CA ILE A 200 16.40 1.09 19.44
C ILE A 200 16.27 2.61 19.24
N ARG A 201 16.55 3.11 18.03
CA ARG A 201 16.57 4.54 17.78
C ARG A 201 16.41 4.81 16.30
N VAL A 202 16.00 6.04 16.00
CA VAL A 202 15.93 6.52 14.62
C VAL A 202 17.28 7.13 14.29
N HIS A 203 17.91 6.57 13.27
CA HIS A 203 19.24 6.94 12.82
C HIS A 203 19.21 8.11 11.84
N THR A 204 18.30 8.07 10.85
CA THR A 204 18.17 9.11 9.82
C THR A 204 16.74 9.28 9.42
N ILE A 205 16.33 10.55 9.19
CA ILE A 205 15.04 10.85 8.61
C ILE A 205 15.24 11.73 7.40
N VAL A 206 14.55 11.40 6.30
CA VAL A 206 14.49 12.26 5.11
C VAL A 206 13.05 12.73 4.95
N ILE A 207 12.85 14.02 4.63
CA ILE A 207 11.55 14.51 4.22
C ILE A 207 11.75 15.46 3.07
N SER A 208 11.07 15.19 1.95
CA SER A 208 11.00 16.11 0.81
C SER A 208 9.55 16.36 0.54
N VAL A 209 9.15 17.64 0.44
CA VAL A 209 7.76 17.95 0.15
C VAL A 209 7.63 19.17 -0.75
N GLN A 210 6.74 19.09 -1.73
CA GLN A 210 6.51 20.18 -2.65
C GLN A 210 5.98 21.40 -1.88
N HIS A 211 6.39 22.60 -2.31
CA HIS A 211 6.06 23.80 -1.59
C HIS A 211 5.85 24.98 -2.55
N ASP A 212 5.30 26.06 -1.98
CA ASP A 212 5.04 27.26 -2.75
C ASP A 212 6.31 28.09 -2.98
N GLU A 213 6.22 29.06 -3.86
CA GLU A 213 7.36 29.89 -4.26
C GLU A 213 7.80 30.90 -3.21
N GLU A 214 6.97 31.15 -2.19
CA GLU A 214 7.28 32.18 -1.22
C GLU A 214 8.05 31.73 0.01
N VAL A 215 7.82 30.52 0.50
CA VAL A 215 8.46 30.04 1.72
C VAL A 215 9.94 29.75 1.53
N CYS A 216 10.77 30.16 2.50
CA CYS A 216 12.20 29.91 2.38
C CYS A 216 12.61 28.57 3.00
N LEU A 217 13.76 28.09 2.60
CA LEU A 217 14.29 26.84 3.04
C LEU A 217 14.41 26.71 4.55
N ASP A 218 14.89 27.76 5.25
CA ASP A 218 15.04 27.68 6.71
C ASP A 218 13.70 27.55 7.41
N GLU A 219 12.67 28.26 6.92
CA GLU A 219 11.34 28.15 7.52
C GLU A 219 10.81 26.73 7.32
N MET A 220 11.03 26.15 6.14
CA MET A 220 10.55 24.78 5.88
C MET A 220 11.28 23.78 6.76
N ARG A 221 12.61 23.88 6.87
CA ARG A 221 13.37 22.89 7.65
C ARG A 221 12.99 22.96 9.12
N ASP A 222 12.78 24.17 9.64
CA ASP A 222 12.39 24.32 11.04
C ASP A 222 10.99 23.70 11.25
N ALA A 223 10.05 23.98 10.34
CA ALA A 223 8.70 23.42 10.46
C ALA A 223 8.72 21.90 10.35
N LEU A 224 9.52 21.36 9.43
CA LEU A 224 9.57 19.91 9.26
C LEU A 224 10.09 19.23 10.51
N LYS A 225 11.06 19.84 11.20
CA LYS A 225 11.57 19.24 12.41
C LYS A 225 10.58 19.41 13.57
N GLU A 226 10.09 20.64 13.82
CA GLU A 226 9.28 20.91 15.00
C GLU A 226 7.83 20.51 14.90
N LYS A 227 7.23 20.69 13.73
CA LYS A 227 5.79 20.44 13.56
C LYS A 227 5.45 19.14 12.91
N VAL A 228 6.42 18.51 12.24
CA VAL A 228 6.18 17.23 11.57
C VAL A 228 6.89 16.09 12.31
N ILE A 229 8.23 16.09 12.31
CA ILE A 229 8.97 15.01 12.98
C ILE A 229 8.62 14.90 14.46
N LYS A 230 8.68 16.01 15.21
CA LYS A 230 8.40 15.94 16.65
C LYS A 230 6.98 15.56 16.95
N ALA A 231 6.04 15.85 16.04
CA ALA A 231 4.66 15.49 16.22
C ALA A 231 4.35 14.03 15.87
N VAL A 232 5.31 13.29 15.29
CA VAL A 232 5.09 11.93 14.88
C VAL A 232 6.01 10.94 15.58
N VAL A 233 7.31 11.21 15.61
CA VAL A 233 8.29 10.27 16.11
C VAL A 233 8.52 10.47 17.58
N PRO A 234 8.28 9.45 18.42
CA PRO A 234 8.56 9.59 19.86
C PRO A 234 9.97 10.07 20.15
N ALA A 235 10.09 11.01 21.08
CA ALA A 235 11.38 11.59 21.44
C ALA A 235 12.39 10.56 21.90
N LYS A 236 11.93 9.45 22.48
CA LYS A 236 12.83 8.39 22.94
C LYS A 236 13.66 7.80 21.82
N TYR A 237 13.21 7.91 20.56
CA TYR A 237 13.97 7.39 19.42
C TYR A 237 14.92 8.41 18.81
N LEU A 238 14.83 9.68 19.20
CA LEU A 238 15.63 10.73 18.59
C LEU A 238 16.68 11.17 19.56
N ASP A 239 17.90 11.35 19.08
CA ASP A 239 18.99 11.79 19.95
C ASP A 239 19.94 12.75 19.24
N GLU A 240 21.07 13.10 19.88
CA GLU A 240 22.03 14.02 19.29
C GLU A 240 22.67 13.54 18.01
N ASP A 241 22.70 12.23 17.78
CA ASP A 241 23.31 11.69 16.59
C ASP A 241 22.33 11.49 15.42
N THR A 242 21.02 11.65 15.63
CA THR A 242 20.04 11.44 14.56
C THR A 242 20.31 12.41 13.43
N ILE A 243 20.37 11.90 12.19
CA ILE A 243 20.65 12.72 11.02
C ILE A 243 19.35 13.11 10.35
N TYR A 244 19.22 14.40 10.03
CA TYR A 244 18.03 14.91 9.38
C TYR A 244 18.36 15.46 8.02
N HIS A 245 17.69 14.97 6.98
CA HIS A 245 17.82 15.48 5.62
C HIS A 245 16.44 16.04 5.27
N LEU A 246 16.26 17.35 5.51
CA LEU A 246 14.94 18.01 5.36
C LEU A 246 15.01 18.92 4.19
N GLN A 247 14.14 18.70 3.19
CA GLN A 247 14.25 19.42 1.91
C GLN A 247 15.69 19.33 1.36
N PRO A 248 16.28 18.12 1.30
CA PRO A 248 17.68 18.00 0.88
C PRO A 248 17.99 18.45 -0.55
N SER A 249 16.97 18.48 -1.43
CA SER A 249 17.22 19.01 -2.78
C SER A 249 17.38 20.53 -2.79
N GLY A 250 16.91 21.19 -1.74
CA GLY A 250 16.97 22.64 -1.65
C GLY A 250 15.81 23.39 -2.25
N ARG A 251 15.06 22.79 -3.18
CA ARG A 251 13.94 23.47 -3.85
C ARG A 251 13.08 22.42 -4.49
N PHE A 252 11.76 22.48 -4.21
CA PHE A 252 10.78 21.53 -4.71
C PHE A 252 9.47 22.29 -4.93
N VAL A 253 9.49 23.25 -5.87
CA VAL A 253 8.28 24.01 -6.22
C VAL A 253 7.50 23.24 -7.29
N ILE A 254 8.21 22.79 -8.33
CA ILE A 254 7.61 21.92 -9.34
C ILE A 254 7.43 20.55 -8.71
N GLY A 255 6.23 19.98 -8.82
CA GLY A 255 5.95 18.69 -8.22
C GLY A 255 4.73 18.07 -8.83
N GLY A 256 4.28 16.99 -8.21
CA GLY A 256 3.20 16.17 -8.75
C GLY A 256 3.59 15.63 -10.12
N PRO A 257 2.59 15.33 -10.96
CA PRO A 257 2.89 14.80 -12.31
C PRO A 257 3.76 15.69 -13.17
N GLN A 258 3.71 17.03 -12.93
CA GLN A 258 4.56 17.92 -13.69
C GLN A 258 6.04 17.66 -13.43
N GLY A 259 6.40 17.33 -12.19
CA GLY A 259 7.79 17.05 -11.87
C GLY A 259 8.25 15.65 -12.23
N ASP A 260 7.32 14.70 -12.32
CA ASP A 260 7.70 13.30 -12.48
C ASP A 260 6.51 12.50 -12.91
N ALA A 261 6.60 11.83 -14.06
CA ALA A 261 5.48 10.98 -14.51
C ALA A 261 5.21 9.86 -13.53
N GLY A 262 3.93 9.66 -13.20
CA GLY A 262 3.48 8.60 -12.31
C GLY A 262 2.72 7.51 -13.03
N LEU A 263 2.74 6.31 -12.42
CA LEU A 263 2.05 5.14 -12.95
C LEU A 263 1.49 4.33 -11.82
N THR A 264 0.39 3.63 -12.08
CA THR A 264 -0.16 2.70 -11.08
C THR A 264 0.85 1.56 -10.82
N GLY A 265 0.98 1.14 -9.56
CA GLY A 265 1.77 -0.02 -9.22
C GLY A 265 3.25 0.19 -9.28
N ARG A 266 3.70 1.43 -9.02
CA ARG A 266 5.11 1.77 -8.95
C ARG A 266 5.54 2.11 -7.50
N LYS A 267 4.72 1.78 -6.52
CA LYS A 267 5.05 2.00 -5.11
C LYS A 267 4.67 0.72 -4.34
N ILE A 268 5.03 -0.45 -4.90
CA ILE A 268 4.54 -1.71 -4.32
C ILE A 268 5.19 -2.03 -2.97
N ILE A 269 6.39 -1.49 -2.72
CA ILE A 269 7.11 -1.71 -1.45
C ILE A 269 6.59 -0.74 -0.36
N VAL A 270 6.23 0.49 -0.79
CA VAL A 270 5.53 1.42 0.09
C VAL A 270 4.15 0.87 0.46
N ASP A 271 3.50 0.15 -0.49
CA ASP A 271 2.16 -0.38 -0.24
C ASP A 271 2.16 -1.53 0.74
N THR A 272 3.32 -2.17 0.96
CA THR A 272 3.41 -3.41 1.72
C THR A 272 4.27 -3.23 2.98
N TYR A 273 5.53 -3.69 2.99
CA TYR A 273 6.30 -3.79 4.21
C TYR A 273 7.54 -2.96 4.23
N GLY A 274 7.71 -2.04 3.29
CA GLY A 274 8.88 -1.18 3.31
C GLY A 274 10.22 -1.88 3.15
N GLY A 275 10.20 -3.03 2.49
CA GLY A 275 11.43 -3.76 2.24
C GLY A 275 11.57 -4.99 3.12
N TRP A 276 10.85 -5.02 4.24
CA TRP A 276 10.86 -6.20 5.11
C TRP A 276 10.04 -7.32 4.48
N GLY A 277 10.17 -8.52 5.02
CA GLY A 277 9.42 -9.66 4.49
C GLY A 277 9.88 -10.01 3.10
N ALA A 278 8.97 -9.92 2.11
CA ALA A 278 9.29 -10.24 0.71
C ALA A 278 8.16 -9.73 -0.15
N HIS A 279 8.42 -9.64 -1.46
CA HIS A 279 7.40 -9.18 -2.38
C HIS A 279 7.46 -10.01 -3.66
N GLY A 280 6.29 -10.37 -4.19
CA GLY A 280 6.18 -11.13 -5.44
C GLY A 280 6.12 -10.33 -6.72
N GLY A 281 5.99 -9.00 -6.62
CA GLY A 281 6.01 -8.12 -7.76
C GLY A 281 4.70 -7.53 -8.22
N GLY A 282 3.60 -8.09 -7.77
CA GLY A 282 2.29 -7.66 -8.23
C GLY A 282 1.84 -6.37 -7.59
N ALA A 283 1.17 -5.54 -8.39
CA ALA A 283 0.58 -4.27 -7.92
C ALA A 283 -0.84 -4.52 -7.45
N PHE A 284 -1.30 -3.73 -6.49
CA PHE A 284 -2.65 -3.92 -5.96
C PHE A 284 -3.72 -3.08 -6.64
N SER A 285 -3.45 -1.78 -6.86
CA SER A 285 -4.52 -0.86 -7.23
C SER A 285 -5.09 -1.07 -8.60
N GLY A 286 -6.40 -0.84 -8.71
CA GLY A 286 -7.11 -0.96 -9.99
C GLY A 286 -7.57 -2.35 -10.36
N LYS A 287 -7.46 -3.31 -9.41
CA LYS A 287 -7.76 -4.70 -9.68
C LYS A 287 -8.84 -5.24 -8.78
N ASP A 288 -9.80 -5.98 -9.36
CA ASP A 288 -10.81 -6.69 -8.57
C ASP A 288 -10.23 -7.95 -7.92
N TYR A 289 -11.04 -8.61 -7.07
CA TYR A 289 -10.59 -9.76 -6.28
C TYR A 289 -10.04 -10.91 -7.07
N THR A 290 -10.50 -11.10 -8.31
CA THR A 290 -10.01 -12.25 -9.10
C THR A 290 -8.54 -12.13 -9.44
N LYS A 291 -7.97 -10.92 -9.34
CA LYS A 291 -6.56 -10.71 -9.57
C LYS A 291 -5.86 -11.02 -8.24
N VAL A 292 -5.26 -12.21 -8.16
CA VAL A 292 -4.59 -12.68 -6.96
C VAL A 292 -3.40 -11.82 -6.55
N ASP A 293 -2.87 -10.95 -7.43
CA ASP A 293 -1.81 -10.02 -7.00
C ASP A 293 -2.29 -9.23 -5.77
N ARG A 294 -3.60 -8.91 -5.75
CA ARG A 294 -4.16 -8.19 -4.61
C ARG A 294 -4.79 -9.17 -3.59
N SER A 295 -5.79 -9.96 -3.97
CA SER A 295 -6.49 -10.79 -3.02
C SER A 295 -5.61 -11.78 -2.26
N ALA A 296 -4.67 -12.43 -2.96
CA ALA A 296 -3.80 -13.41 -2.28
C ALA A 296 -2.78 -12.73 -1.40
N ALA A 297 -2.32 -11.53 -1.76
CA ALA A 297 -1.41 -10.78 -0.89
C ALA A 297 -2.16 -10.32 0.36
N TYR A 298 -3.45 -9.91 0.23
CA TYR A 298 -4.22 -9.51 1.41
C TYR A 298 -4.44 -10.76 2.30
N ALA A 299 -4.77 -11.90 1.68
CA ALA A 299 -4.97 -13.13 2.46
C ALA A 299 -3.68 -13.57 3.13
N ALA A 300 -2.53 -13.41 2.46
CA ALA A 300 -1.26 -13.81 3.05
C ALA A 300 -0.90 -12.92 4.24
N ARG A 301 -1.23 -11.61 4.15
CA ARG A 301 -1.04 -10.70 5.30
C ARG A 301 -1.94 -11.17 6.44
N TRP A 302 -3.21 -11.53 6.14
CA TRP A 302 -4.17 -11.99 7.12
C TRP A 302 -3.64 -13.24 7.85
N VAL A 303 -3.10 -14.20 7.08
CA VAL A 303 -2.49 -15.39 7.67
C VAL A 303 -1.32 -15.01 8.58
N ALA A 304 -0.38 -14.19 8.07
CA ALA A 304 0.78 -13.80 8.87
C ALA A 304 0.39 -13.09 10.17
N LYS A 305 -0.54 -12.14 10.07
CA LYS A 305 -0.99 -11.41 11.23
C LYS A 305 -1.71 -12.33 12.21
N SER A 306 -2.49 -13.30 11.71
CA SER A 306 -3.15 -14.28 12.56
C SER A 306 -2.14 -15.16 13.32
N LEU A 307 -1.02 -15.53 12.68
CA LEU A 307 -0.02 -16.36 13.33
C LEU A 307 0.67 -15.57 14.45
N VAL A 308 0.92 -14.27 14.25
CA VAL A 308 1.57 -13.45 15.26
C VAL A 308 0.62 -13.11 16.39
N LYS A 309 -0.59 -12.62 16.08
CA LYS A 309 -1.59 -12.31 17.11
C LYS A 309 -2.07 -13.55 17.85
N GLY A 310 -2.00 -14.72 17.22
CA GLY A 310 -2.36 -15.96 17.88
C GLY A 310 -1.27 -16.51 18.80
N GLY A 311 -0.12 -15.83 18.85
CA GLY A 311 0.97 -16.21 19.73
C GLY A 311 1.83 -17.37 19.23
N LEU A 312 1.71 -17.73 17.95
CA LEU A 312 2.51 -18.82 17.40
C LEU A 312 3.89 -18.38 16.96
N CYS A 313 4.09 -17.09 16.75
N CYS A 313 4.00 -17.11 16.46
CA CYS A 313 5.39 -16.59 16.36
CA CYS A 313 5.22 -16.48 15.92
C CYS A 313 5.42 -15.11 16.64
C CYS A 313 5.36 -15.06 16.47
N ARG A 314 6.60 -14.55 16.53
CA ARG A 314 6.80 -13.13 16.75
C ARG A 314 7.01 -12.41 15.39
N ARG A 315 7.49 -13.13 14.36
CA ARG A 315 7.80 -12.59 13.04
C ARG A 315 7.62 -13.75 12.07
N VAL A 316 6.94 -13.50 10.95
CA VAL A 316 6.66 -14.60 10.01
C VAL A 316 6.45 -14.08 8.62
N LEU A 317 6.87 -14.91 7.66
CA LEU A 317 6.74 -14.68 6.23
C LEU A 317 5.99 -15.88 5.64
N VAL A 318 5.01 -15.58 4.78
CA VAL A 318 4.21 -16.59 4.09
C VAL A 318 4.34 -16.35 2.59
N GLN A 319 4.69 -17.38 1.81
CA GLN A 319 4.65 -17.27 0.35
C GLN A 319 3.51 -18.16 -0.14
N VAL A 320 2.77 -17.66 -1.14
CA VAL A 320 1.79 -18.44 -1.88
C VAL A 320 2.07 -18.18 -3.37
N SER A 321 1.59 -19.06 -4.24
CA SER A 321 1.69 -18.84 -5.68
C SER A 321 0.53 -19.48 -6.39
N TYR A 322 0.25 -19.03 -7.61
CA TYR A 322 -0.91 -19.49 -8.37
C TYR A 322 -0.58 -19.68 -9.83
N ALA A 323 -1.46 -20.40 -10.55
CA ALA A 323 -1.42 -20.47 -12.02
C ALA A 323 -2.74 -19.88 -12.50
N ILE A 324 -2.73 -19.14 -13.63
CA ILE A 324 -3.98 -18.61 -14.18
C ILE A 324 -4.97 -19.77 -14.47
N GLY A 325 -6.20 -19.59 -14.05
CA GLY A 325 -7.27 -20.56 -14.26
C GLY A 325 -7.37 -21.64 -13.23
N VAL A 326 -6.43 -21.69 -12.27
CA VAL A 326 -6.40 -22.75 -11.26
C VAL A 326 -6.76 -22.11 -9.92
N SER A 327 -7.70 -22.69 -9.17
CA SER A 327 -8.16 -22.08 -7.93
CA SER A 327 -8.17 -22.10 -7.92
C SER A 327 -7.19 -22.23 -6.76
N HIS A 328 -6.73 -23.45 -6.46
CA HIS A 328 -5.85 -23.64 -5.32
C HIS A 328 -4.47 -23.12 -5.55
N PRO A 329 -3.82 -22.58 -4.51
CA PRO A 329 -2.42 -22.18 -4.68
C PRO A 329 -1.55 -23.37 -5.09
N LEU A 330 -0.52 -23.10 -5.88
CA LEU A 330 0.45 -24.12 -6.32
C LEU A 330 1.44 -24.48 -5.24
N SER A 331 1.77 -23.50 -4.39
CA SER A 331 2.73 -23.69 -3.32
C SER A 331 2.37 -22.78 -2.18
N ILE A 332 2.70 -23.21 -0.94
CA ILE A 332 2.55 -22.41 0.28
C ILE A 332 3.81 -22.69 1.11
N SER A 333 4.47 -21.64 1.60
CA SER A 333 5.67 -21.76 2.41
C SER A 333 5.58 -20.77 3.57
N ILE A 334 6.16 -21.19 4.70
CA ILE A 334 6.16 -20.38 5.92
C ILE A 334 7.55 -20.35 6.51
N PHE A 335 8.04 -19.14 6.82
CA PHE A 335 9.33 -18.95 7.45
C PHE A 335 9.09 -18.12 8.72
N HIS A 336 9.43 -18.66 9.88
CA HIS A 336 9.15 -17.95 11.14
C HIS A 336 10.36 -17.30 11.77
N TYR A 337 11.50 -17.22 11.05
CA TYR A 337 12.70 -16.52 11.53
C TYR A 337 13.26 -17.05 12.85
N GLY A 338 12.88 -18.25 13.23
CA GLY A 338 13.30 -18.80 14.52
C GLY A 338 12.47 -18.32 15.69
N THR A 339 11.28 -17.72 15.42
CA THR A 339 10.43 -17.15 16.47
C THR A 339 9.24 -17.98 16.89
N SER A 340 9.17 -19.23 16.43
CA SER A 340 8.10 -20.13 16.85
C SER A 340 8.72 -21.38 17.45
N GLN A 341 8.02 -21.95 18.44
CA GLN A 341 8.39 -23.27 18.96
C GLN A 341 7.87 -24.35 17.98
N LYS A 342 6.83 -24.05 17.17
CA LYS A 342 6.34 -24.99 16.20
C LYS A 342 7.22 -24.98 14.98
N SER A 343 7.35 -26.14 14.35
CA SER A 343 8.13 -26.24 13.14
C SER A 343 7.36 -25.54 12.01
N GLU A 344 8.03 -25.24 10.90
CA GLU A 344 7.37 -24.65 9.76
C GLU A 344 6.40 -25.71 9.11
N ARG A 345 6.68 -27.03 9.26
CA ARG A 345 5.74 -28.06 8.81
C ARG A 345 4.45 -27.97 9.64
N GLU A 346 4.60 -27.79 10.97
CA GLU A 346 3.43 -27.65 11.84
C GLU A 346 2.64 -26.38 11.52
N LEU A 347 3.34 -25.26 11.26
CA LEU A 347 2.63 -24.02 10.92
C LEU A 347 1.87 -24.15 9.61
N LEU A 348 2.46 -24.85 8.61
CA LEU A 348 1.76 -25.10 7.35
C LEU A 348 0.50 -25.90 7.58
N GLU A 349 0.54 -26.91 8.46
CA GLU A 349 -0.64 -27.70 8.78
C GLU A 349 -1.71 -26.84 9.46
N ILE A 350 -1.31 -25.95 10.37
CA ILE A 350 -2.26 -25.04 11.02
C ILE A 350 -2.91 -24.13 9.97
N VAL A 351 -2.10 -23.61 9.04
CA VAL A 351 -2.66 -22.75 7.99
C VAL A 351 -3.62 -23.53 7.10
N LYS A 352 -3.28 -24.77 6.73
CA LYS A 352 -4.14 -25.63 5.91
C LYS A 352 -5.48 -25.89 6.59
N LYS A 353 -5.46 -26.09 7.91
CA LYS A 353 -6.68 -26.37 8.66
C LYS A 353 -7.55 -25.14 8.88
N ASN A 354 -6.96 -23.93 8.80
CA ASN A 354 -7.68 -22.72 9.15
C ASN A 354 -7.99 -21.77 8.03
N PHE A 355 -7.31 -21.89 6.90
CA PHE A 355 -7.53 -20.95 5.80
C PHE A 355 -7.73 -21.67 4.49
N ASP A 356 -8.54 -21.09 3.61
CA ASP A 356 -8.76 -21.60 2.25
C ASP A 356 -8.34 -20.45 1.34
N LEU A 357 -7.21 -20.62 0.65
CA LEU A 357 -6.61 -19.54 -0.13
C LEU A 357 -6.98 -19.56 -1.61
N ARG A 358 -8.12 -20.19 -1.95
CA ARG A 358 -8.68 -20.05 -3.28
C ARG A 358 -9.26 -18.62 -3.37
N PRO A 359 -9.09 -17.93 -4.49
CA PRO A 359 -9.61 -16.55 -4.59
C PRO A 359 -11.11 -16.46 -4.38
N GLY A 360 -11.84 -17.48 -4.80
CA GLY A 360 -13.29 -17.52 -4.62
C GLY A 360 -13.76 -17.75 -3.20
N VAL A 361 -12.84 -18.09 -2.30
CA VAL A 361 -13.15 -18.19 -0.87
C VAL A 361 -12.58 -16.96 -0.15
N ILE A 362 -11.38 -16.49 -0.54
CA ILE A 362 -10.81 -15.25 0.02
C ILE A 362 -11.79 -14.08 -0.15
N VAL A 363 -12.51 -14.01 -1.30
CA VAL A 363 -13.47 -12.92 -1.52
C VAL A 363 -14.54 -12.88 -0.46
N ARG A 364 -14.98 -14.05 -0.01
CA ARG A 364 -16.00 -14.14 1.01
C ARG A 364 -15.42 -13.80 2.39
N ASP A 365 -14.28 -14.38 2.72
CA ASP A 365 -13.67 -14.14 4.03
C ASP A 365 -13.28 -12.68 4.24
N LEU A 366 -12.77 -12.05 3.19
CA LEU A 366 -12.27 -10.68 3.31
C LEU A 366 -13.21 -9.62 2.71
N ASP A 367 -14.42 -10.04 2.28
CA ASP A 367 -15.45 -9.14 1.75
C ASP A 367 -14.90 -8.27 0.62
N LEU A 368 -14.23 -8.90 -0.34
CA LEU A 368 -13.49 -8.15 -1.35
C LEU A 368 -14.30 -7.59 -2.51
N LYS A 369 -15.62 -7.71 -2.49
CA LYS A 369 -16.46 -6.99 -3.49
C LYS A 369 -16.86 -5.61 -2.91
N LYS A 370 -16.52 -5.30 -1.63
CA LYS A 370 -16.88 -4.01 -1.05
C LYS A 370 -16.03 -2.90 -1.63
N PRO A 371 -16.64 -1.75 -1.94
CA PRO A 371 -15.88 -0.64 -2.54
C PRO A 371 -15.14 0.19 -1.49
N ILE A 372 -14.10 -0.40 -0.85
CA ILE A 372 -13.27 0.32 0.11
C ILE A 372 -11.84 0.47 -0.40
N TYR A 373 -11.59 0.23 -1.69
CA TYR A 373 -10.24 0.19 -2.20
C TYR A 373 -9.53 1.51 -2.30
N GLN A 374 -10.25 2.61 -2.60
CA GLN A 374 -9.52 3.90 -2.63
C GLN A 374 -8.87 4.22 -1.28
N ARG A 375 -9.52 3.78 -0.18
CA ARG A 375 -8.97 3.96 1.17
C ARG A 375 -7.66 3.25 1.38
N THR A 376 -7.39 2.17 0.62
CA THR A 376 -6.13 1.42 0.77
C THR A 376 -4.97 2.02 0.01
N ALA A 377 -5.24 2.93 -0.96
CA ALA A 377 -4.26 3.35 -1.96
C ALA A 377 -3.26 4.42 -1.57
N ALA A 378 -3.31 4.89 -0.32
CA ALA A 378 -2.25 5.74 0.22
C ALA A 378 -1.99 5.28 1.66
N TYR A 379 -0.74 5.46 2.13
CA TYR A 379 -0.32 5.15 3.50
C TYR A 379 -0.24 3.66 3.81
N GLY A 380 -0.13 2.84 2.76
CA GLY A 380 0.04 1.41 2.95
C GLY A 380 -1.26 0.67 3.02
N HIS A 381 -1.26 -0.57 2.52
CA HIS A 381 -2.49 -1.38 2.54
C HIS A 381 -2.67 -2.16 3.82
N PHE A 382 -1.60 -2.25 4.63
CA PHE A 382 -1.54 -3.05 5.84
C PHE A 382 -1.24 -2.22 7.07
N GLY A 383 -1.68 -2.75 8.20
CA GLY A 383 -1.48 -2.17 9.52
C GLY A 383 -2.33 -0.99 9.89
N ARG A 384 -3.41 -0.75 9.16
CA ARG A 384 -4.30 0.39 9.39
C ARG A 384 -5.76 0.03 9.33
N ASP A 385 -6.56 0.74 10.13
CA ASP A 385 -8.02 0.84 10.03
C ASP A 385 -8.84 -0.42 10.13
N SER A 386 -8.27 -1.51 10.62
CA SER A 386 -9.01 -2.75 10.85
C SER A 386 -9.80 -3.22 9.63
N PHE A 387 -9.17 -3.16 8.44
CA PHE A 387 -9.70 -3.78 7.21
C PHE A 387 -9.80 -5.30 7.49
N PRO A 388 -10.61 -6.08 6.75
CA PRO A 388 -10.79 -7.49 7.13
C PRO A 388 -9.49 -8.29 7.24
N TRP A 389 -8.50 -7.99 6.40
CA TRP A 389 -7.22 -8.72 6.44
C TRP A 389 -6.34 -8.35 7.65
N GLU A 390 -6.75 -7.32 8.41
CA GLU A 390 -6.08 -6.87 9.62
C GLU A 390 -6.74 -7.40 10.89
N VAL A 391 -7.88 -8.09 10.79
CA VAL A 391 -8.58 -8.64 11.96
C VAL A 391 -8.14 -10.10 12.01
N PRO A 392 -7.34 -10.51 12.99
CA PRO A 392 -6.83 -11.89 12.98
C PRO A 392 -7.91 -12.94 13.07
N LYS A 393 -7.69 -14.08 12.43
CA LYS A 393 -8.58 -15.21 12.57
C LYS A 393 -8.16 -15.98 13.80
N LYS A 394 -9.12 -16.37 14.64
CA LYS A 394 -8.85 -17.22 15.80
C LYS A 394 -8.54 -18.62 15.27
N LEU A 395 -7.34 -19.12 15.55
CA LEU A 395 -6.89 -20.39 15.00
C LEU A 395 -7.25 -21.61 15.85
N LYS A 396 -7.64 -22.69 15.18
CA LYS A 396 -7.98 -23.96 15.82
C LYS A 396 -6.88 -24.98 15.52
N TYR A 397 -6.30 -25.60 16.57
CA TYR A 397 -5.22 -26.59 16.43
C TYR A 397 -4.99 -27.34 17.76
#